data_1JO7
#
_entry.id   1JO7
#
_cell.length_a   ?
_cell.length_b   ?
_cell.length_c   ?
_cell.angle_alpha   ?
_cell.angle_beta   ?
_cell.angle_gamma   ?
#
_entity_poly.entity_id   1
_entity_poly.type   'polyribonucleotide'
_entity_poly.pdbx_seq_one_letter_code
;AGUAGAAACAAGGCUUCGGCCUGCUUUUGCU
;
_entity_poly.pdbx_strand_id   A
#